data_6T3O
#
_entry.id   6T3O
#
_cell.length_a   58.599
_cell.length_b   58.599
_cell.length_c   62.821
_cell.angle_alpha   90.00
_cell.angle_beta   90.00
_cell.angle_gamma   90.00
#
_symmetry.space_group_name_H-M   'P 43 21 2'
#
loop_
_entity.id
_entity.type
_entity.pdbx_description
1 polymer Myomesin-1
2 non-polymer 'AZIDE ION'
3 water water
#
_entity_poly.entity_id   1
_entity_poly.type   'polypeptide(L)'
_entity_poly.pdbx_seq_one_letter_code
;MGSSHHHHHHSSGLVPRGSHM(MLZ)SELAVEILEKGQVRFWMQAEKLSGNAKVNYIFNEKEIFEGPKYKMHIDRNTGII
EMFMEKLQDEDEGTYTFQLQDGKATNHSTVVLVGDVFKKLQKEAEFQRQEWIRKQG
;
_entity_poly.pdbx_strand_id   A
#
loop_
_chem_comp.id
_chem_comp.type
_chem_comp.name
_chem_comp.formula
AZI non-polymer 'AZIDE ION' 'N3 -1'
#
# COMPACT_ATOMS: atom_id res chain seq x y z
N MLZ A 22 5.03 14.64 6.48
CA MLZ A 22 5.38 13.29 5.98
CB MLZ A 22 6.90 13.13 5.80
CG MLZ A 22 7.60 12.05 6.64
CD MLZ A 22 8.64 11.25 5.83
CE MLZ A 22 8.07 10.01 5.16
NZ MLZ A 22 9.05 9.29 4.33
CM MLZ A 22 8.81 9.23 2.87
C MLZ A 22 4.76 12.24 6.90
O MLZ A 22 4.57 12.47 8.10
N SER A 23 4.50 11.08 6.33
CA SER A 23 3.96 9.97 7.10
C SER A 23 4.56 8.70 6.53
N GLU A 24 5.01 7.81 7.40
CA GLU A 24 5.57 6.48 7.08
C GLU A 24 4.46 5.62 6.48
N LEU A 25 4.82 4.44 5.99
CA LEU A 25 3.83 3.60 5.28
C LEU A 25 2.71 3.26 6.27
N ALA A 26 1.48 3.42 5.82
CA ALA A 26 0.26 3.09 6.59
C ALA A 26 -0.65 2.28 5.67
N VAL A 27 -1.52 1.48 6.26
CA VAL A 27 -2.51 0.74 5.44
C VAL A 27 -3.85 1.08 6.04
N GLU A 28 -4.79 1.18 5.15
CA GLU A 28 -6.18 1.41 5.59
C GLU A 28 -7.02 0.73 4.55
N ILE A 29 -8.24 0.52 4.93
CA ILE A 29 -9.30 -0.08 4.11
C ILE A 29 -10.23 1.05 3.75
N LEU A 30 -10.62 1.08 2.51
CA LEU A 30 -11.50 2.11 1.91
C LEU A 30 -12.91 1.55 1.83
N GLU A 31 -13.86 2.39 1.47
CA GLU A 31 -15.32 2.12 1.63
C GLU A 31 -15.73 0.82 0.93
N LYS A 32 -15.06 0.50 -0.14
CA LYS A 32 -15.45 -0.74 -0.83
C LYS A 32 -14.60 -1.91 -0.32
N GLY A 33 -13.85 -1.73 0.74
CA GLY A 33 -12.95 -2.80 1.20
C GLY A 33 -11.67 -2.84 0.41
N GLN A 34 -11.45 -1.85 -0.43
CA GLN A 34 -10.15 -1.72 -1.08
C GLN A 34 -9.12 -1.36 -0.04
N VAL A 35 -7.90 -1.78 -0.34
CA VAL A 35 -6.77 -1.60 0.56
C VAL A 35 -5.96 -0.43 0.02
N ARG A 36 -5.57 0.43 0.92
CA ARG A 36 -4.71 1.57 0.59
C ARG A 36 -3.50 1.54 1.47
N PHE A 37 -2.37 1.29 0.84
CA PHE A 37 -1.04 1.55 1.42
C PHE A 37 -0.67 2.94 1.01
N TRP A 38 -0.22 3.77 1.93
CA TRP A 38 0.23 5.08 1.48
C TRP A 38 1.21 5.63 2.48
N MET A 39 2.08 6.47 1.97
CA MET A 39 3.01 7.21 2.85
C MET A 39 3.09 8.57 2.20
N GLN A 40 3.61 9.52 2.92
CA GLN A 40 3.81 10.90 2.43
C GLN A 40 5.29 11.28 2.53
N ALA A 41 5.89 11.55 1.38
CA ALA A 41 7.20 12.20 1.25
C ALA A 41 6.96 13.70 1.42
N GLU A 42 7.99 14.43 1.82
CA GLU A 42 7.91 15.92 1.95
C GLU A 42 7.63 16.47 0.55
N LYS A 43 8.52 16.18 -0.39
CA LYS A 43 8.45 16.63 -1.79
C LYS A 43 8.97 15.48 -2.65
N LEU A 44 8.42 15.33 -3.85
CA LEU A 44 8.95 14.35 -4.82
C LEU A 44 9.29 15.11 -6.08
N SER A 45 10.51 14.90 -6.59
CA SER A 45 10.95 15.33 -7.94
C SER A 45 10.31 14.39 -8.98
N GLY A 46 10.32 14.79 -10.25
CA GLY A 46 9.91 13.95 -11.38
C GLY A 46 10.74 12.69 -11.45
N ASN A 47 11.87 12.68 -10.74
CA ASN A 47 12.83 11.55 -10.84
C ASN A 47 12.55 10.57 -9.71
N ALA A 48 11.86 10.99 -8.66
CA ALA A 48 11.39 10.09 -7.58
C ALA A 48 10.86 8.80 -8.19
N LYS A 49 11.19 7.70 -7.54
CA LYS A 49 10.79 6.37 -8.04
C LYS A 49 10.45 5.54 -6.81
N VAL A 50 9.53 4.63 -7.00
CA VAL A 50 9.09 3.84 -5.85
C VAL A 50 9.13 2.39 -6.31
N ASN A 51 9.79 1.60 -5.49
CA ASN A 51 9.76 0.13 -5.54
C ASN A 51 8.76 -0.28 -4.50
N TYR A 52 7.72 -0.90 -4.98
CA TYR A 52 6.67 -1.48 -4.12
C TYR A 52 7.11 -2.91 -3.87
N ILE A 53 7.16 -3.26 -2.60
CA ILE A 53 7.76 -4.56 -2.17
CA ILE A 53 7.75 -4.56 -2.19
C ILE A 53 6.74 -5.27 -1.30
N PHE A 54 6.48 -6.52 -1.65
CA PHE A 54 5.58 -7.37 -0.90
C PHE A 54 6.32 -8.67 -0.62
N ASN A 55 6.46 -9.01 0.65
CA ASN A 55 7.30 -10.16 1.10
C ASN A 55 8.63 -10.21 0.34
N GLU A 56 9.29 -9.07 0.24
CA GLU A 56 10.65 -8.92 -0.31
C GLU A 56 10.70 -9.16 -1.81
N LYS A 57 9.56 -9.22 -2.47
CA LYS A 57 9.43 -9.32 -3.94
C LYS A 57 8.92 -8.00 -4.43
N GLU A 58 9.52 -7.50 -5.49
CA GLU A 58 8.98 -6.30 -6.12
C GLU A 58 7.65 -6.72 -6.73
N ILE A 59 6.70 -5.84 -6.54
CA ILE A 59 5.36 -5.98 -7.13
C ILE A 59 5.15 -4.76 -8.01
N PHE A 60 4.27 -4.97 -8.93
CA PHE A 60 4.03 -4.05 -10.05
C PHE A 60 2.55 -3.80 -10.23
N GLU A 61 2.23 -2.60 -10.71
CA GLU A 61 0.89 -2.22 -11.19
C GLU A 61 0.42 -3.36 -12.10
N GLY A 62 -0.81 -3.81 -11.93
CA GLY A 62 -1.26 -5.03 -12.61
C GLY A 62 -2.63 -5.42 -12.14
N PRO A 63 -3.00 -6.71 -12.29
CA PRO A 63 -4.35 -7.17 -11.98
C PRO A 63 -4.59 -7.04 -10.47
N LYS A 64 -3.51 -6.96 -9.68
CA LYS A 64 -3.61 -7.03 -8.22
C LYS A 64 -3.29 -5.68 -7.60
N TYR A 65 -2.32 -4.93 -8.08
CA TYR A 65 -1.92 -3.66 -7.43
C TYR A 65 -2.12 -2.49 -8.37
N LYS A 66 -2.49 -1.36 -7.80
CA LYS A 66 -2.50 -0.11 -8.52
C LYS A 66 -1.63 0.84 -7.71
N MET A 67 -0.69 1.48 -8.38
CA MET A 67 0.21 2.40 -7.66
C MET A 67 -0.07 3.80 -8.11
N HIS A 68 0.11 4.77 -7.23
CA HIS A 68 0.01 6.17 -7.62
C HIS A 68 1.06 6.94 -6.84
N ILE A 69 1.67 7.87 -7.50
CA ILE A 69 2.57 8.83 -6.85
C ILE A 69 2.02 10.19 -7.18
N ASP A 70 1.84 11.01 -6.15
CA ASP A 70 1.51 12.46 -6.32
C ASP A 70 2.75 13.22 -5.86
N ARG A 71 3.50 13.70 -6.82
CA ARG A 71 4.85 14.28 -6.58
C ARG A 71 4.66 15.62 -5.88
N ASN A 72 3.50 16.23 -6.09
CA ASN A 72 3.12 17.49 -5.43
C ASN A 72 2.95 17.30 -3.93
N THR A 73 2.11 16.34 -3.55
CA THR A 73 1.70 16.11 -2.15
C THR A 73 2.77 15.29 -1.45
N GLY A 74 3.55 14.51 -2.20
CA GLY A 74 4.46 13.49 -1.67
C GLY A 74 3.71 12.22 -1.31
N ILE A 75 2.42 12.14 -1.62
CA ILE A 75 1.56 11.00 -1.25
C ILE A 75 1.88 9.90 -2.28
N ILE A 76 2.41 8.80 -1.77
CA ILE A 76 2.67 7.61 -2.60
C ILE A 76 1.69 6.57 -2.09
N GLU A 77 0.94 5.93 -2.98
CA GLU A 77 -0.08 4.98 -2.44
C GLU A 77 -0.27 3.80 -3.38
N MET A 78 -0.39 2.60 -2.80
CA MET A 78 -0.62 1.39 -3.57
C MET A 78 -1.99 0.89 -3.13
N PHE A 79 -2.76 0.42 -4.09
CA PHE A 79 -4.14 -0.03 -3.80
C PHE A 79 -4.24 -1.48 -4.20
N MET A 80 -4.98 -2.22 -3.39
CA MET A 80 -5.44 -3.57 -3.75
C MET A 80 -6.96 -3.61 -3.69
N GLU A 81 -7.58 -4.54 -4.40
CA GLU A 81 -9.06 -4.65 -4.37
C GLU A 81 -9.46 -5.27 -3.03
N LYS A 82 -8.58 -6.10 -2.51
CA LYS A 82 -8.93 -6.99 -1.40
C LYS A 82 -7.65 -7.56 -0.84
N LEU A 83 -7.80 -8.24 0.28
CA LEU A 83 -6.72 -8.94 0.98
C LEU A 83 -7.04 -10.42 0.96
N GLN A 84 -6.36 -11.16 0.11
CA GLN A 84 -6.46 -12.63 0.10
C GLN A 84 -5.51 -13.08 1.21
N ASP A 85 -5.72 -14.28 1.69
CA ASP A 85 -4.80 -14.97 2.60
C ASP A 85 -3.38 -14.79 2.09
N GLU A 86 -3.14 -14.90 0.77
CA GLU A 86 -1.78 -14.82 0.17
C GLU A 86 -1.21 -13.41 0.36
N ASP A 87 -1.99 -12.46 0.85
CA ASP A 87 -1.54 -11.05 0.91
C ASP A 87 -0.93 -10.75 2.27
N GLU A 88 -0.93 -11.74 3.12
CA GLU A 88 -0.29 -11.60 4.43
C GLU A 88 1.20 -11.40 4.16
N GLY A 89 1.77 -10.43 4.83
CA GLY A 89 3.20 -10.25 4.81
C GLY A 89 3.57 -8.86 5.06
N THR A 90 4.68 -8.52 4.46
CA THR A 90 5.30 -7.24 4.70
C THR A 90 5.26 -6.47 3.41
N TYR A 91 4.86 -5.24 3.56
CA TYR A 91 4.72 -4.29 2.46
C TYR A 91 5.70 -3.17 2.73
N THR A 92 6.48 -2.87 1.69
CA THR A 92 7.48 -1.81 1.73
C THR A 92 7.32 -1.00 0.47
N PHE A 93 7.39 0.28 0.68
CA PHE A 93 7.60 1.29 -0.37
C PHE A 93 9.05 1.69 -0.26
N GLN A 94 9.78 1.47 -1.34
CA GLN A 94 11.19 1.91 -1.41
C GLN A 94 11.14 3.15 -2.27
N LEU A 95 11.29 4.30 -1.64
CA LEU A 95 11.27 5.62 -2.33
C LEU A 95 12.72 5.97 -2.65
N GLN A 96 12.99 6.26 -3.91
CA GLN A 96 14.26 6.86 -4.33
C GLN A 96 13.95 8.14 -5.11
N ASP A 97 14.46 9.26 -4.62
CA ASP A 97 14.54 10.55 -5.34
C ASP A 97 16.02 10.82 -5.53
N GLY A 98 16.55 10.46 -6.71
CA GLY A 98 18.00 10.44 -7.00
C GLY A 98 18.77 9.68 -5.92
N LYS A 99 19.69 10.39 -5.25
CA LYS A 99 20.49 9.90 -4.10
C LYS A 99 19.53 9.51 -2.98
N ALA A 100 18.44 10.28 -2.85
CA ALA A 100 17.52 10.22 -1.69
C ALA A 100 16.81 8.86 -1.73
N THR A 101 16.69 8.27 -0.54
CA THR A 101 16.34 6.84 -0.41
C THR A 101 15.60 6.63 0.92
N ASN A 102 14.28 6.47 0.85
CA ASN A 102 13.43 6.19 2.03
C ASN A 102 12.82 4.81 1.84
N HIS A 103 12.84 3.98 2.87
CA HIS A 103 11.93 2.80 2.83
C HIS A 103 10.93 2.95 3.97
N SER A 104 9.67 2.54 3.77
CA SER A 104 8.74 2.42 4.91
C SER A 104 7.95 1.12 4.78
N THR A 105 7.66 0.51 5.92
CA THR A 105 7.20 -0.88 5.91
C THR A 105 5.99 -1.01 6.82
N VAL A 106 5.05 -1.76 6.38
CA VAL A 106 3.97 -2.23 7.25
C VAL A 106 4.03 -3.74 7.27
N VAL A 107 4.04 -4.24 8.47
CA VAL A 107 4.08 -5.71 8.66
C VAL A 107 2.66 -6.19 8.91
N LEU A 108 2.04 -6.73 7.90
CA LEU A 108 0.65 -7.20 7.99
C LEU A 108 0.64 -8.69 8.10
N VAL A 109 0.95 -9.14 9.30
CA VAL A 109 1.20 -10.55 9.60
C VAL A 109 0.31 -10.91 10.77
N GLY A 110 -0.06 -12.18 10.84
CA GLY A 110 -0.73 -12.73 12.03
C GLY A 110 -2.02 -11.99 12.28
N ASP A 111 -2.22 -11.59 13.53
CA ASP A 111 -3.52 -11.05 13.97
C ASP A 111 -3.76 -9.75 13.24
N VAL A 112 -2.70 -8.99 13.05
CA VAL A 112 -2.79 -7.69 12.37
C VAL A 112 -3.41 -7.91 11.00
N PHE A 113 -2.88 -8.87 10.30
CA PHE A 113 -3.39 -9.20 8.97
C PHE A 113 -4.82 -9.69 9.02
N LYS A 114 -5.13 -10.59 9.94
CA LYS A 114 -6.48 -11.19 10.02
C LYS A 114 -7.49 -10.08 10.26
N LYS A 115 -7.16 -9.18 11.18
CA LYS A 115 -8.08 -8.05 11.56
C LYS A 115 -8.31 -7.17 10.36
N LEU A 116 -7.25 -6.88 9.65
CA LEU A 116 -7.35 -5.96 8.52
C LEU A 116 -8.16 -6.65 7.46
N GLN A 117 -7.89 -7.93 7.29
CA GLN A 117 -8.62 -8.71 6.30
C GLN A 117 -10.11 -8.78 6.64
N LYS A 118 -10.44 -8.92 7.91
CA LYS A 118 -11.84 -9.05 8.34
C LYS A 118 -12.55 -7.76 8.02
N GLU A 119 -11.85 -6.65 8.25
CA GLU A 119 -12.41 -5.32 7.98
C GLU A 119 -12.62 -5.24 6.47
N ALA A 120 -11.61 -5.59 5.70
CA ALA A 120 -11.66 -5.35 4.27
C ALA A 120 -12.79 -6.22 3.72
N GLU A 121 -12.87 -7.47 4.16
CA GLU A 121 -13.94 -8.41 3.74
C GLU A 121 -15.31 -7.92 4.15
N PHE A 122 -15.46 -7.35 5.34
CA PHE A 122 -16.73 -6.83 5.78
C PHE A 122 -17.16 -5.68 4.85
N GLN A 123 -16.26 -4.74 4.57
CA GLN A 123 -16.58 -3.54 3.77
C GLN A 123 -16.89 -3.97 2.35
N ARG A 124 -16.11 -4.93 1.83
CA ARG A 124 -16.32 -5.46 0.46
C ARG A 124 -17.69 -6.15 0.41
N GLN A 125 -18.00 -6.93 1.46
CA GLN A 125 -19.29 -7.62 1.56
C GLN A 125 -20.38 -6.57 1.63
N GLU A 126 -20.23 -5.58 2.52
CA GLU A 126 -21.29 -4.57 2.77
C GLU A 126 -21.47 -3.65 1.56
N TRP A 127 -20.40 -3.35 0.86
CA TRP A 127 -20.52 -2.55 -0.38
C TRP A 127 -21.48 -3.26 -1.33
N ILE A 128 -21.27 -4.57 -1.48
CA ILE A 128 -21.98 -5.35 -2.53
C ILE A 128 -23.41 -5.55 -2.01
N ARG A 129 -23.56 -5.67 -0.69
CA ARG A 129 -24.88 -5.82 -0.02
C ARG A 129 -25.67 -4.53 -0.11
N LYS A 130 -25.01 -3.35 -0.16
CA LYS A 130 -25.69 -2.03 -0.05
C LYS A 130 -25.39 -1.15 -1.27
N1 AZI B . -14.32 -11.21 -1.51
N2 AZI B . -14.30 -11.53 -2.60
N3 AZI B . -14.28 -11.81 -3.71
#